data_6EXU
#
_entry.id   6EXU
#
_cell.length_a   35.582
_cell.length_b   40.831
_cell.length_c   70.780
_cell.angle_alpha   90.00
_cell.angle_beta   90.00
_cell.angle_gamma   90.00
#
_symmetry.space_group_name_H-M   'P 21 21 21'
#
loop_
_entity.id
_entity.type
_entity.pdbx_description
1 polymer 'Switch-activating protein 1'
2 water water
#
_entity_poly.entity_id   1
_entity_poly.type   'polypeptide(L)'
_entity_poly.pdbx_seq_one_letter_code
;LSPSSSPAKAQRTHLSLEEKIKL(MSE)RLVVRHKHELVDRKTSEFYAKIARIGYEDEGLAIHTESA(CAS)RNQIISI
(MSE)RVYEQRLAHRQPG(MSE)KTTPEEDELDQLCDEWKARLSELQQYREKF
;
_entity_poly.pdbx_strand_id   A
#
# COMPACT_ATOMS: atom_id res chain seq x y z
N THR A 13 -2.45 15.72 -2.54
CA THR A 13 -3.86 15.61 -2.18
C THR A 13 -4.04 14.62 -1.05
N HIS A 14 -5.25 14.59 -0.49
CA HIS A 14 -5.56 13.80 0.70
C HIS A 14 -6.62 12.78 0.37
N LEU A 15 -6.34 11.51 0.66
CA LEU A 15 -7.30 10.44 0.45
C LEU A 15 -8.13 10.25 1.71
N SER A 16 -9.40 9.91 1.53
CA SER A 16 -10.23 9.50 2.65
C SER A 16 -9.86 8.08 3.08
N LEU A 17 -10.35 7.67 4.24
CA LEU A 17 -10.11 6.31 4.70
C LEU A 17 -10.61 5.30 3.68
N GLU A 18 -11.81 5.54 3.16
CA GLU A 18 -12.38 4.65 2.15
C GLU A 18 -11.45 4.54 0.95
N GLU A 19 -10.91 5.66 0.48
CA GLU A 19 -9.99 5.63 -0.65
C GLU A 19 -8.69 4.93 -0.29
N LYS A 20 -8.18 5.11 0.92
CA LYS A 20 -6.97 4.40 1.35
C LYS A 20 -7.18 2.90 1.31
N ILE A 21 -8.33 2.42 1.76
CA ILE A 21 -8.63 0.99 1.72
C ILE A 21 -8.76 0.52 0.28
N LYS A 22 -9.47 1.27 -0.57
CA LYS A 22 -9.57 0.85 -1.97
C LYS A 22 -8.19 0.77 -2.61
N LEU A 23 -7.32 1.73 -2.30
CA LEU A 23 -5.99 1.76 -2.88
C LEU A 23 -5.16 0.58 -2.39
N ARG A 25 -6.22 -2.26 -1.18
CA ARG A 25 -6.75 -3.50 -1.74
C ARG A 25 -6.16 -3.77 -3.11
N LEU A 26 -6.05 -2.72 -3.92
CA LEU A 26 -5.47 -2.86 -5.26
C LEU A 26 -3.99 -3.19 -5.20
N VAL A 27 -3.24 -2.49 -4.35
CA VAL A 27 -1.82 -2.76 -4.20
C VAL A 27 -1.60 -4.22 -3.86
N VAL A 28 -2.37 -4.73 -2.90
CA VAL A 28 -2.18 -6.11 -2.47
C VAL A 28 -2.62 -7.07 -3.57
N ARG A 29 -3.72 -6.77 -4.25
CA ARG A 29 -4.18 -7.66 -5.31
C ARG A 29 -3.11 -7.83 -6.39
N HIS A 30 -2.35 -6.78 -6.66
CA HIS A 30 -1.34 -6.77 -7.70
C HIS A 30 0.08 -6.94 -7.15
N LYS A 31 0.23 -7.37 -5.90
CA LYS A 31 1.54 -7.30 -5.26
C LYS A 31 2.58 -8.14 -5.97
N HIS A 32 2.20 -9.26 -6.56
CA HIS A 32 3.20 -10.11 -7.22
C HIS A 32 3.64 -9.54 -8.56
N GLU A 33 3.00 -8.48 -9.03
CA GLU A 33 3.39 -7.82 -10.26
C GLU A 33 4.50 -6.80 -10.06
N LEU A 34 4.84 -6.47 -8.80
CA LEU A 34 5.95 -5.59 -8.55
C LEU A 34 7.25 -6.36 -8.78
N VAL A 35 8.09 -5.80 -9.63
CA VAL A 35 9.41 -6.34 -9.92
C VAL A 35 10.45 -5.41 -9.30
N ASP A 36 11.40 -5.97 -8.55
CA ASP A 36 12.44 -5.15 -7.94
C ASP A 36 13.15 -4.30 -9.00
N ARG A 37 13.35 -3.02 -8.68
CA ARG A 37 14.01 -2.06 -9.58
C ARG A 37 13.16 -1.68 -10.79
N LYS A 38 11.89 -2.02 -10.79
CA LYS A 38 10.93 -1.61 -11.81
C LYS A 38 9.70 -1.04 -11.14
N THR A 39 9.93 -0.18 -10.16
CA THR A 39 8.82 0.39 -9.42
C THR A 39 7.94 1.25 -10.30
N SER A 40 8.52 1.95 -11.29
CA SER A 40 7.75 2.87 -12.11
C SER A 40 6.56 2.16 -12.75
N GLU A 41 6.80 1.01 -13.37
CA GLU A 41 5.74 0.29 -14.06
C GLU A 41 4.63 -0.08 -13.09
N PHE A 42 4.99 -0.46 -11.87
CA PHE A 42 4.01 -0.89 -10.88
C PHE A 42 3.14 0.26 -10.39
N TYR A 43 3.77 1.35 -9.96
CA TYR A 43 3.00 2.45 -9.43
C TYR A 43 2.18 3.13 -10.51
N ALA A 44 2.67 3.13 -11.76
CA ALA A 44 1.87 3.66 -12.87
C ALA A 44 0.60 2.84 -13.06
N LYS A 45 0.72 1.51 -12.98
CA LYS A 45 -0.42 0.63 -13.14
C LYS A 45 -1.42 0.83 -12.00
N ILE A 46 -0.95 0.91 -10.77
CA ILE A 46 -1.83 1.14 -9.64
C ILE A 46 -2.57 2.46 -9.80
N ALA A 47 -1.85 3.52 -10.16
CA ALA A 47 -2.52 4.80 -10.37
C ALA A 47 -3.61 4.69 -11.44
N ARG A 48 -3.32 4.00 -12.55
CA ARG A 48 -4.29 3.85 -13.62
C ARG A 48 -5.51 3.07 -13.16
N ILE A 49 -5.30 1.90 -12.57
CA ILE A 49 -6.44 1.08 -12.19
C ILE A 49 -7.22 1.71 -11.06
N GLY A 50 -6.53 2.40 -10.14
CA GLY A 50 -7.24 3.08 -9.07
C GLY A 50 -8.15 4.17 -9.59
N TYR A 51 -7.68 4.90 -10.59
CA TYR A 51 -8.53 5.89 -11.26
C TYR A 51 -9.65 5.22 -12.03
N GLU A 52 -9.31 4.26 -12.89
CA GLU A 52 -10.31 3.73 -13.81
C GLU A 52 -11.41 2.95 -13.09
N ASP A 53 -11.07 2.20 -12.03
CA ASP A 53 -12.00 1.29 -11.37
C ASP A 53 -12.48 1.75 -10.00
N GLU A 54 -11.66 2.47 -9.24
CA GLU A 54 -12.02 2.81 -7.87
C GLU A 54 -12.37 4.27 -7.69
N GLY A 55 -12.40 5.05 -8.77
CA GLY A 55 -12.82 6.43 -8.70
C GLY A 55 -11.86 7.36 -7.99
N LEU A 56 -10.61 6.96 -7.82
CA LEU A 56 -9.61 7.84 -7.26
C LEU A 56 -9.30 8.95 -8.25
N ALA A 57 -8.78 10.05 -7.74
CA ALA A 57 -8.39 11.14 -8.63
C ALA A 57 -7.22 10.72 -9.50
N ILE A 58 -7.05 11.40 -10.64
CA ILE A 58 -5.84 11.24 -11.44
C ILE A 58 -4.65 11.62 -10.59
N HIS A 59 -3.68 10.70 -10.48
CA HIS A 59 -2.40 10.93 -9.83
C HIS A 59 -1.29 10.60 -10.81
N THR A 60 -0.19 11.35 -10.75
CA THR A 60 1.00 10.92 -11.44
C THR A 60 1.55 9.66 -10.76
N GLU A 61 2.50 9.02 -11.43
CA GLU A 61 3.17 7.89 -10.82
C GLU A 61 3.73 8.28 -9.45
N SER A 62 4.45 9.40 -9.38
CA SER A 62 5.10 9.79 -8.13
C SER A 62 4.07 10.10 -7.06
N ALA A 63 2.99 10.77 -7.41
CA ALA A 63 1.98 11.13 -6.44
C ALA A 63 1.28 9.89 -5.88
N ARG A 65 2.60 6.83 -5.70
CA ARG A 65 3.56 6.17 -4.85
C ARG A 65 3.65 6.90 -3.50
N ASN A 66 3.64 8.23 -3.52
CA ASN A 66 3.71 8.98 -2.26
C ASN A 66 2.50 8.68 -1.37
N GLN A 67 1.32 8.49 -1.96
CA GLN A 67 0.16 8.14 -1.15
C GLN A 67 0.38 6.82 -0.43
N ILE A 68 0.97 5.85 -1.11
CA ILE A 68 1.17 4.53 -0.52
C ILE A 68 2.25 4.61 0.55
N ILE A 69 3.32 5.36 0.28
CA ILE A 69 4.35 5.56 1.30
C ILE A 69 3.76 6.16 2.56
N SER A 70 2.86 7.12 2.40
CA SER A 70 2.27 7.79 3.56
C SER A 70 1.35 6.84 4.33
N ILE A 71 0.55 6.05 3.62
CA ILE A 71 -0.28 5.06 4.29
C ILE A 71 0.57 4.14 5.14
N ARG A 73 3.61 4.68 6.31
CA ARG A 73 4.22 5.39 7.43
C ARG A 73 3.24 5.52 8.58
N VAL A 74 1.99 5.88 8.29
CA VAL A 74 1.01 6.01 9.36
C VAL A 74 0.69 4.65 9.95
N TYR A 75 0.67 3.61 9.12
CA TYR A 75 0.48 2.25 9.63
C TYR A 75 1.55 1.90 10.65
N GLU A 76 2.81 2.19 10.35
CA GLU A 76 3.90 1.90 11.29
C GLU A 76 3.70 2.65 12.59
N GLN A 77 3.24 3.89 12.52
CA GLN A 77 2.93 4.63 13.73
C GLN A 77 1.81 3.96 14.52
N ARG A 78 0.75 3.54 13.84
CA ARG A 78 -0.34 2.83 14.51
C ARG A 78 0.17 1.60 15.21
N LEU A 79 1.01 0.83 14.51
CA LEU A 79 1.54 -0.40 15.10
C LEU A 79 2.34 -0.10 16.35
N ALA A 80 3.21 0.92 16.28
CA ALA A 80 4.10 1.22 17.40
C ALA A 80 3.32 1.67 18.62
N HIS A 81 2.18 2.33 18.41
CA HIS A 81 1.42 2.90 19.50
C HIS A 81 0.18 2.11 19.84
N ARG A 82 -0.03 0.97 19.18
CA ARG A 82 -1.18 0.15 19.53
C ARG A 82 -1.04 -0.32 20.97
N GLN A 83 -2.16 -0.36 21.66
CA GLN A 83 -2.18 -0.72 23.04
C GLN A 83 -3.02 -1.97 23.21
N PRO A 84 -2.68 -2.85 24.14
CA PRO A 84 -3.55 -4.00 24.41
C PRO A 84 -4.91 -3.54 24.92
N GLY A 85 -5.97 -4.10 24.33
CA GLY A 85 -7.32 -3.79 24.74
C GLY A 85 -7.96 -2.65 23.98
N LYS A 87 -9.96 -0.69 21.20
CA LYS A 87 -11.05 -1.06 20.31
C LYS A 87 -10.71 -0.59 18.91
N THR A 88 -10.93 -1.47 17.94
CA THR A 88 -10.70 -1.17 16.53
C THR A 88 -11.99 -1.40 15.75
N THR A 89 -12.09 -0.74 14.61
CA THR A 89 -13.20 -0.93 13.70
C THR A 89 -12.83 -1.95 12.65
N PRO A 90 -13.82 -2.51 11.94
CA PRO A 90 -13.49 -3.43 10.84
C PRO A 90 -12.67 -2.78 9.74
N GLU A 91 -12.91 -1.50 9.43
CA GLU A 91 -12.11 -0.81 8.43
C GLU A 91 -10.65 -0.71 8.87
N GLU A 92 -10.42 -0.40 10.14
CA GLU A 92 -9.06 -0.35 10.65
C GLU A 92 -8.41 -1.71 10.59
N ASP A 93 -9.14 -2.76 10.98
CA ASP A 93 -8.56 -4.10 10.93
C ASP A 93 -8.22 -4.48 9.50
N GLU A 94 -9.05 -4.11 8.52
CA GLU A 94 -8.73 -4.47 7.14
C GLU A 94 -7.52 -3.68 6.65
N LEU A 95 -7.49 -2.38 6.91
CA LEU A 95 -6.35 -1.60 6.45
C LEU A 95 -5.06 -2.12 7.06
N ASP A 96 -5.07 -2.45 8.35
CA ASP A 96 -3.87 -3.00 8.98
C ASP A 96 -3.45 -4.30 8.31
N GLN A 97 -4.41 -5.17 8.00
CA GLN A 97 -4.07 -6.44 7.37
C GLN A 97 -3.46 -6.21 5.99
N LEU A 98 -4.08 -5.32 5.20
CA LEU A 98 -3.54 -5.00 3.87
C LEU A 98 -2.14 -4.43 3.97
N CYS A 99 -1.91 -3.53 4.94
CA CYS A 99 -0.60 -2.95 5.10
C CYS A 99 0.42 -3.99 5.51
N ASP A 100 0.05 -4.88 6.43
CA ASP A 100 0.92 -5.98 6.81
C ASP A 100 1.30 -6.83 5.60
N GLU A 101 0.34 -7.11 4.73
CA GLU A 101 0.62 -7.95 3.57
C GLU A 101 1.53 -7.24 2.58
N TRP A 102 1.31 -5.94 2.36
CA TRP A 102 2.20 -5.18 1.48
C TRP A 102 3.61 -5.09 2.06
N LYS A 103 3.71 -4.82 3.37
CA LYS A 103 5.02 -4.77 4.02
C LYS A 103 5.76 -6.09 3.82
N ALA A 104 5.05 -7.21 3.91
CA ALA A 104 5.68 -8.52 3.75
C ALA A 104 6.19 -8.70 2.32
N ARG A 105 5.47 -8.19 1.33
CA ARG A 105 5.94 -8.31 -0.05
C ARG A 105 7.21 -7.49 -0.25
N LEU A 106 7.23 -6.27 0.26
CA LEU A 106 8.42 -5.44 0.14
C LEU A 106 9.60 -6.09 0.83
N SER A 107 9.37 -6.67 2.02
CA SER A 107 10.44 -7.34 2.76
CA SER A 107 10.44 -7.33 2.75
C SER A 107 10.96 -8.54 1.99
N GLU A 108 10.06 -9.29 1.35
CA GLU A 108 10.46 -10.44 0.53
C GLU A 108 11.42 -10.00 -0.56
N LEU A 109 11.07 -8.94 -1.29
CA LEU A 109 11.93 -8.45 -2.36
C LEU A 109 13.27 -7.96 -1.83
N GLN A 110 13.26 -7.31 -0.66
CA GLN A 110 14.50 -6.84 -0.05
C GLN A 110 15.41 -8.02 0.28
N GLN A 111 14.83 -9.08 0.85
CA GLN A 111 15.62 -10.26 1.19
C GLN A 111 16.21 -10.89 -0.07
N TYR A 112 15.44 -10.96 -1.14
CA TYR A 112 15.95 -11.54 -2.40
C TYR A 112 17.12 -10.74 -2.92
N ARG A 113 17.04 -9.40 -2.84
CA ARG A 113 18.11 -8.56 -3.38
C ARG A 113 19.37 -8.73 -2.54
N GLU A 114 19.21 -8.78 -1.23
CA GLU A 114 20.36 -8.80 -0.32
C GLU A 114 21.10 -10.13 -0.35
N LYS A 115 20.37 -11.24 -0.45
CA LYS A 115 20.94 -12.54 -0.13
C LYS A 115 21.53 -13.27 -1.34
N PHE A 116 21.16 -12.91 -2.56
CA PHE A 116 21.48 -13.74 -3.74
C PHE A 116 22.24 -13.02 -4.86
#